data_8C85
#
_entry.id   8C85
#
_cell.length_a   42.059
_cell.length_b   84.862
_cell.length_c   64.275
_cell.angle_alpha   90.000
_cell.angle_beta   90.000
_cell.angle_gamma   90.000
#
_symmetry.space_group_name_H-M   'P 21 21 2'
#
loop_
_entity.id
_entity.type
_entity.pdbx_description
1 polymer Transthyretin
2 non-polymer (3,5-dimethylphenyl)-(3-methoxy-5-nitro-4-oxidanyl-phenyl)methanone
3 water water
#
_entity_poly.entity_id   1
_entity_poly.type   'polypeptide(L)'
_entity_poly.pdbx_seq_one_letter_code
;GPTGTGESKCPLMVKVLDAVRGSPAINVAVHVFRKAADDTWEPFASGKTSESGELHGLTTEEEFVEGIYKVEIDTKSYWK
ALGISPFHEHAEVVFTANDSGPRRYTIAALLSPYSYSTTAVVTNPKE
;
_entity_poly.pdbx_strand_id   B,A
#
loop_
_chem_comp.id
_chem_comp.type
_chem_comp.name
_chem_comp.formula
U1F non-polymer (3,5-dimethylphenyl)-(3-methoxy-5-nitro-4-oxidanyl-phenyl)methanone 'C16 H16 N O5 1'
#
# COMPACT_ATOMS: atom_id res chain seq x y z
N CYS A 10 -16.77 -14.24 -0.85
CA CYS A 10 -16.59 -15.53 -0.06
C CYS A 10 -15.15 -15.86 0.42
N PRO A 11 -14.18 -16.32 -0.39
CA PRO A 11 -12.85 -16.45 0.22
C PRO A 11 -12.08 -15.13 0.21
N LEU A 12 -12.48 -14.12 -0.52
CA LEU A 12 -11.73 -12.86 -0.57
C LEU A 12 -12.74 -11.76 -0.63
N MET A 13 -12.78 -10.91 0.37
CA MET A 13 -13.70 -9.78 0.41
CA MET A 13 -13.72 -9.79 0.46
C MET A 13 -12.88 -8.54 0.72
N VAL A 14 -13.35 -7.43 0.21
CA VAL A 14 -12.67 -6.14 0.40
C VAL A 14 -13.70 -5.18 0.95
N LYS A 15 -13.31 -4.44 1.95
CA LYS A 15 -14.15 -3.41 2.57
C LYS A 15 -13.40 -2.09 2.61
N VAL A 16 -14.06 -1.00 2.25
CA VAL A 16 -13.42 0.31 2.18
C VAL A 16 -14.28 1.31 2.91
N LEU A 17 -13.66 2.10 3.77
CA LEU A 17 -14.31 3.15 4.56
CA LEU A 17 -14.32 3.14 4.56
C LEU A 17 -13.66 4.49 4.28
N ASP A 18 -14.45 5.54 4.45
CA ASP A 18 -14.05 6.90 4.24
C ASP A 18 -13.95 7.64 5.57
N ALA A 19 -12.74 8.03 5.91
CA ALA A 19 -12.41 8.66 7.19
C ALA A 19 -12.74 10.15 7.25
N VAL A 20 -13.10 10.74 6.14
CA VAL A 20 -13.52 12.15 6.08
C VAL A 20 -14.97 12.25 6.40
N ARG A 21 -15.79 11.42 5.80
CA ARG A 21 -17.24 11.45 5.96
C ARG A 21 -17.73 10.53 7.04
N GLY A 22 -16.95 9.56 7.46
CA GLY A 22 -17.47 8.59 8.41
C GLY A 22 -18.49 7.72 7.78
N SER A 23 -18.14 7.12 6.68
CA SER A 23 -19.12 6.39 5.89
CA SER A 23 -19.12 6.41 5.86
C SER A 23 -18.42 5.23 5.18
N PRO A 24 -19.16 4.28 4.68
CA PRO A 24 -18.57 3.37 3.71
CA PRO A 24 -18.61 3.37 3.69
C PRO A 24 -18.08 4.18 2.52
N ALA A 25 -17.05 3.67 1.87
CA ALA A 25 -16.56 4.25 0.63
C ALA A 25 -17.20 3.47 -0.52
N ILE A 26 -18.16 4.10 -1.15
CA ILE A 26 -19.06 3.48 -2.12
CA ILE A 26 -18.99 3.40 -2.12
C ILE A 26 -18.45 3.61 -3.51
N ASN A 27 -18.64 2.60 -4.34
CA ASN A 27 -18.25 2.70 -5.75
CA ASN A 27 -18.25 2.65 -5.75
C ASN A 27 -16.75 2.81 -5.92
N VAL A 28 -16.00 2.16 -5.08
CA VAL A 28 -14.54 2.13 -5.16
C VAL A 28 -14.17 0.94 -6.05
N ALA A 29 -13.43 1.21 -7.11
CA ALA A 29 -12.95 0.13 -7.95
C ALA A 29 -11.78 -0.58 -7.34
N VAL A 30 -11.79 -1.89 -7.46
CA VAL A 30 -10.75 -2.78 -6.90
C VAL A 30 -10.32 -3.79 -7.95
N HIS A 31 -9.04 -3.86 -8.17
CA HIS A 31 -8.46 -4.83 -9.11
C HIS A 31 -7.54 -5.76 -8.35
N VAL A 32 -7.70 -7.06 -8.56
CA VAL A 32 -6.84 -8.07 -7.93
C VAL A 32 -6.01 -8.69 -9.02
N PHE A 33 -4.73 -8.84 -8.73
CA PHE A 33 -3.77 -9.49 -9.61
C PHE A 33 -3.13 -10.66 -8.83
N ARG A 34 -2.57 -11.61 -9.60
CA ARG A 34 -1.86 -12.74 -9.06
C ARG A 34 -0.56 -12.88 -9.79
N LYS A 35 0.53 -13.10 -9.05
CA LYS A 35 1.82 -13.23 -9.70
CA LYS A 35 1.83 -13.24 -9.68
C LYS A 35 1.87 -14.53 -10.48
N ALA A 36 2.24 -14.45 -11.74
CA ALA A 36 2.33 -15.58 -12.65
C ALA A 36 3.69 -16.21 -12.52
N ALA A 37 3.86 -17.33 -13.22
CA ALA A 37 5.09 -18.10 -13.14
C ALA A 37 6.25 -17.31 -13.66
N ASP A 38 5.99 -16.35 -14.55
CA ASP A 38 7.06 -15.55 -15.10
C ASP A 38 7.27 -14.27 -14.33
N ASP A 39 6.70 -14.18 -13.13
CA ASP A 39 6.86 -13.08 -12.19
C ASP A 39 6.12 -11.81 -12.57
N THR A 40 5.27 -11.83 -13.59
CA THR A 40 4.45 -10.68 -13.88
C THR A 40 3.14 -10.74 -13.10
N TRP A 41 2.45 -9.61 -13.04
CA TRP A 41 1.17 -9.54 -12.36
C TRP A 41 0.02 -9.80 -13.31
N GLU A 42 -0.57 -10.87 -13.21
CA GLU A 42 -1.66 -11.22 -14.10
CA GLU A 42 -1.67 -11.24 -14.10
C GLU A 42 -3.00 -10.81 -13.49
N PRO A 43 -3.94 -10.36 -14.32
CA PRO A 43 -5.26 -10.03 -13.79
C PRO A 43 -5.90 -11.26 -13.19
N PHE A 44 -6.58 -11.06 -12.07
CA PHE A 44 -7.23 -12.14 -11.38
C PHE A 44 -8.71 -11.92 -11.18
N ALA A 45 -9.11 -10.74 -10.69
CA ALA A 45 -10.50 -10.43 -10.48
C ALA A 45 -10.61 -8.93 -10.33
N SER A 46 -11.81 -8.39 -10.47
CA SER A 46 -12.04 -6.97 -10.17
C SER A 46 -13.52 -6.75 -9.83
N GLY A 47 -13.82 -5.62 -9.22
CA GLY A 47 -15.18 -5.27 -8.89
C GLY A 47 -15.21 -3.88 -8.27
N LYS A 48 -16.33 -3.54 -7.70
CA LYS A 48 -16.42 -2.26 -7.03
CA LYS A 48 -16.60 -2.22 -7.13
C LYS A 48 -17.27 -2.38 -5.78
N THR A 49 -16.97 -1.55 -4.80
CA THR A 49 -17.67 -1.61 -3.52
C THR A 49 -19.10 -1.13 -3.68
N SER A 50 -19.95 -1.77 -2.90
CA SER A 50 -21.37 -1.52 -2.82
C SER A 50 -21.63 -0.32 -1.91
N GLU A 51 -22.92 -0.06 -1.68
CA GLU A 51 -23.36 0.98 -0.78
CA GLU A 51 -23.36 0.99 -0.77
C GLU A 51 -22.90 0.74 0.66
N SER A 52 -22.57 -0.49 1.02
CA SER A 52 -22.02 -0.80 2.34
C SER A 52 -20.52 -0.68 2.42
N GLY A 53 -19.87 -0.34 1.32
CA GLY A 53 -18.42 -0.30 1.25
C GLY A 53 -17.79 -1.65 1.03
N GLU A 54 -18.59 -2.69 0.76
CA GLU A 54 -18.08 -4.05 0.69
C GLU A 54 -18.09 -4.55 -0.74
N LEU A 55 -17.14 -5.38 -1.03
CA LEU A 55 -17.02 -6.01 -2.34
C LEU A 55 -16.91 -7.50 -2.10
N HIS A 56 -17.98 -8.19 -2.45
CA HIS A 56 -18.10 -9.63 -2.36
C HIS A 56 -18.06 -10.19 -3.79
N GLY A 57 -17.84 -11.46 -3.88
CA GLY A 57 -17.95 -12.21 -5.14
C GLY A 57 -16.78 -12.01 -6.08
N LEU A 58 -15.63 -11.55 -5.59
CA LEU A 58 -14.47 -11.42 -6.47
C LEU A 58 -14.07 -12.76 -7.05
N THR A 59 -14.09 -13.81 -6.25
CA THR A 59 -13.56 -15.09 -6.71
C THR A 59 -14.29 -16.22 -6.04
N THR A 60 -13.85 -17.42 -6.32
CA THR A 60 -14.48 -18.63 -5.84
C THR A 60 -13.40 -19.45 -5.15
N GLU A 61 -13.84 -20.39 -4.30
CA GLU A 61 -12.89 -21.31 -3.67
CA GLU A 61 -12.88 -21.31 -3.68
C GLU A 61 -12.05 -22.04 -4.72
N GLU A 62 -12.65 -22.39 -5.86
CA GLU A 62 -11.89 -23.15 -6.84
CA GLU A 62 -11.89 -23.14 -6.82
C GLU A 62 -10.82 -22.28 -7.46
N GLU A 63 -11.15 -21.02 -7.78
CA GLU A 63 -10.23 -20.20 -8.53
CA GLU A 63 -10.25 -20.19 -8.53
C GLU A 63 -9.16 -19.60 -7.64
N PHE A 64 -9.45 -19.43 -6.35
CA PHE A 64 -8.55 -18.72 -5.45
C PHE A 64 -7.51 -19.67 -4.90
N VAL A 65 -6.55 -20.02 -5.75
CA VAL A 65 -5.49 -20.94 -5.40
C VAL A 65 -4.39 -20.24 -4.65
N GLU A 66 -3.41 -21.01 -4.19
CA GLU A 66 -2.19 -20.43 -3.64
CA GLU A 66 -2.24 -20.37 -3.58
C GLU A 66 -1.59 -19.44 -4.60
N GLY A 67 -0.98 -18.41 -4.07
CA GLY A 67 -0.24 -17.49 -4.87
C GLY A 67 0.05 -16.23 -4.12
N ILE A 68 0.75 -15.34 -4.80
CA ILE A 68 0.98 -13.98 -4.34
C ILE A 68 -0.01 -13.09 -5.05
N TYR A 69 -0.82 -12.40 -4.27
CA TYR A 69 -1.91 -11.60 -4.75
C TYR A 69 -1.65 -10.13 -4.42
N LYS A 70 -2.14 -9.26 -5.31
CA LYS A 70 -2.09 -7.82 -5.11
CA LYS A 70 -2.09 -7.82 -5.13
C LYS A 70 -3.52 -7.33 -5.27
N VAL A 71 -4.02 -6.67 -4.25
CA VAL A 71 -5.31 -6.00 -4.24
C VAL A 71 -5.06 -4.52 -4.39
N GLU A 72 -5.41 -3.97 -5.54
CA GLU A 72 -5.24 -2.57 -5.85
CA GLU A 72 -5.23 -2.56 -5.84
C GLU A 72 -6.58 -1.88 -5.66
N ILE A 73 -6.64 -0.95 -4.71
CA ILE A 73 -7.84 -0.20 -4.40
C ILE A 73 -7.68 1.15 -5.04
N ASP A 74 -8.60 1.52 -5.93
CA ASP A 74 -8.41 2.72 -6.74
CA ASP A 74 -8.49 2.72 -6.77
C ASP A 74 -8.90 3.98 -6.02
N THR A 75 -8.09 4.35 -5.06
CA THR A 75 -8.40 5.45 -4.17
C THR A 75 -8.38 6.78 -4.89
N LYS A 76 -7.49 7.01 -5.84
CA LYS A 76 -7.45 8.29 -6.53
CA LYS A 76 -7.47 8.31 -6.49
C LYS A 76 -8.74 8.49 -7.29
N SER A 77 -9.18 7.45 -8.02
CA SER A 77 -10.42 7.58 -8.76
CA SER A 77 -10.43 7.57 -8.76
C SER A 77 -11.59 7.86 -7.81
N TYR A 78 -11.59 7.25 -6.63
CA TYR A 78 -12.64 7.49 -5.63
C TYR A 78 -12.68 8.97 -5.23
N TRP A 79 -11.53 9.49 -4.80
CA TRP A 79 -11.49 10.88 -4.37
C TRP A 79 -11.82 11.83 -5.49
N LYS A 80 -11.30 11.62 -6.66
CA LYS A 80 -11.52 12.51 -7.78
C LYS A 80 -13.00 12.57 -8.12
N ALA A 81 -13.71 11.46 -8.02
CA ALA A 81 -15.16 11.49 -8.28
C ALA A 81 -15.92 12.29 -7.24
N LEU A 82 -15.36 12.45 -6.04
CA LEU A 82 -15.93 13.30 -4.99
C LEU A 82 -15.40 14.73 -5.09
N GLY A 83 -14.61 15.04 -6.09
CA GLY A 83 -14.12 16.40 -6.29
C GLY A 83 -12.90 16.77 -5.48
N ILE A 84 -12.14 15.77 -4.99
CA ILE A 84 -10.97 15.96 -4.13
C ILE A 84 -9.76 15.48 -4.90
N SER A 85 -8.66 16.21 -4.77
CA SER A 85 -7.37 15.81 -5.33
CA SER A 85 -7.35 15.84 -5.32
C SER A 85 -6.51 15.12 -4.26
N PRO A 86 -6.39 13.81 -4.31
CA PRO A 86 -5.71 13.09 -3.21
C PRO A 86 -4.24 12.88 -3.53
N PHE A 87 -3.50 12.37 -2.55
CA PHE A 87 -2.08 12.18 -2.70
C PHE A 87 -1.75 10.91 -3.45
N HIS A 88 -2.33 9.79 -3.04
CA HIS A 88 -1.90 8.48 -3.54
C HIS A 88 -2.61 8.16 -4.85
N GLU A 89 -1.96 7.34 -5.65
CA GLU A 89 -2.60 6.84 -6.88
C GLU A 89 -3.58 5.72 -6.55
N HIS A 90 -3.25 4.89 -5.61
CA HIS A 90 -4.04 3.73 -5.24
CA HIS A 90 -4.08 3.75 -5.24
C HIS A 90 -3.51 3.25 -3.92
N ALA A 91 -4.16 2.28 -3.33
CA ALA A 91 -3.64 1.57 -2.19
C ALA A 91 -3.47 0.15 -2.67
N GLU A 92 -2.28 -0.42 -2.43
CA GLU A 92 -1.99 -1.77 -2.90
CA GLU A 92 -1.91 -1.74 -2.89
C GLU A 92 -1.74 -2.64 -1.68
N VAL A 93 -2.31 -3.79 -1.70
CA VAL A 93 -2.13 -4.74 -0.61
C VAL A 93 -1.61 -6.04 -1.24
N VAL A 94 -0.40 -6.44 -0.86
CA VAL A 94 0.29 -7.57 -1.52
C VAL A 94 0.58 -8.62 -0.48
N PHE A 95 0.14 -9.87 -0.72
CA PHE A 95 0.25 -10.94 0.29
C PHE A 95 0.23 -12.28 -0.39
N THR A 96 0.88 -13.26 0.25
CA THR A 96 0.72 -14.65 -0.11
C THR A 96 -0.54 -15.21 0.49
N ALA A 97 -1.36 -15.87 -0.30
CA ALA A 97 -2.60 -16.45 0.14
C ALA A 97 -2.60 -17.96 0.00
N ASN A 98 -3.28 -18.60 0.96
CA ASN A 98 -3.57 -20.01 0.93
C ASN A 98 -2.35 -20.93 0.99
N ASP A 99 -1.26 -20.41 1.53
CA ASP A 99 -0.02 -21.20 1.50
CA ASP A 99 0.02 -21.10 1.62
C ASP A 99 -0.04 -22.37 2.47
N SER A 100 -0.90 -22.38 3.49
CA SER A 100 -1.14 -23.48 4.41
C SER A 100 -2.58 -23.98 4.30
N GLY A 101 -3.10 -23.97 3.09
CA GLY A 101 -4.43 -24.40 2.77
C GLY A 101 -5.37 -23.20 2.69
N PRO A 102 -6.60 -23.44 2.25
CA PRO A 102 -7.55 -22.35 2.02
C PRO A 102 -7.81 -21.58 3.29
N ARG A 103 -7.81 -20.25 3.14
CA ARG A 103 -8.30 -19.32 4.16
C ARG A 103 -9.30 -18.34 3.54
N ARG A 104 -10.05 -17.67 4.41
CA ARG A 104 -10.90 -16.57 4.00
C ARG A 104 -10.21 -15.29 4.42
N TYR A 105 -10.14 -14.38 3.49
CA TYR A 105 -9.44 -13.13 3.66
C TYR A 105 -10.40 -11.97 3.53
N THR A 106 -10.35 -11.06 4.51
CA THR A 106 -11.01 -9.76 4.38
C THR A 106 -9.93 -8.72 4.39
N ILE A 107 -9.83 -7.94 3.33
CA ILE A 107 -8.89 -6.84 3.21
C ILE A 107 -9.69 -5.56 3.39
N ALA A 108 -9.39 -4.81 4.43
CA ALA A 108 -10.10 -3.57 4.72
C ALA A 108 -9.17 -2.39 4.51
N ALA A 109 -9.70 -1.28 4.09
CA ALA A 109 -8.95 -0.04 3.92
C ALA A 109 -9.78 1.09 4.42
N LEU A 110 -9.10 2.03 5.05
CA LEU A 110 -9.65 3.27 5.62
C LEU A 110 -8.97 4.42 4.96
N LEU A 111 -9.72 5.27 4.24
CA LEU A 111 -9.16 6.26 3.34
C LEU A 111 -9.31 7.69 3.84
N SER A 112 -8.25 8.45 3.68
CA SER A 112 -8.23 9.90 3.78
C SER A 112 -7.51 10.45 2.58
N PRO A 113 -7.61 11.77 2.31
CA PRO A 113 -6.97 12.26 1.07
C PRO A 113 -5.46 12.08 1.02
N TYR A 114 -4.78 12.16 2.13
CA TYR A 114 -3.31 12.05 2.19
C TYR A 114 -2.85 10.83 2.97
N SER A 115 -3.72 9.86 3.27
CA SER A 115 -3.35 8.75 4.10
CA SER A 115 -3.34 8.75 4.11
C SER A 115 -4.28 7.59 3.88
N TYR A 116 -3.81 6.38 4.14
CA TYR A 116 -4.72 5.24 4.21
C TYR A 116 -4.13 4.24 5.19
N SER A 117 -5.00 3.44 5.71
CA SER A 117 -4.67 2.29 6.52
CA SER A 117 -4.68 2.30 6.55
CA SER A 117 -4.59 2.28 6.44
C SER A 117 -5.33 1.07 5.93
N THR A 118 -4.69 -0.07 6.10
CA THR A 118 -5.20 -1.33 5.65
CA THR A 118 -5.25 -1.33 5.65
C THR A 118 -4.98 -2.38 6.69
N THR A 119 -5.90 -3.32 6.80
CA THR A 119 -5.71 -4.48 7.67
CA THR A 119 -5.83 -4.45 7.70
C THR A 119 -6.25 -5.69 6.94
N ALA A 120 -5.79 -6.86 7.40
CA ALA A 120 -6.28 -8.13 6.92
C ALA A 120 -6.84 -8.91 8.09
N VAL A 121 -7.99 -9.52 7.85
CA VAL A 121 -8.58 -10.51 8.77
C VAL A 121 -8.60 -11.84 8.02
N VAL A 122 -7.92 -12.82 8.57
CA VAL A 122 -7.76 -14.10 7.93
C VAL A 122 -8.37 -15.14 8.84
N THR A 123 -9.29 -15.91 8.31
CA THR A 123 -9.96 -16.93 9.10
CA THR A 123 -10.06 -16.89 9.04
C THR A 123 -9.91 -18.26 8.39
N ASN A 124 -9.98 -19.29 9.18
CA ASN A 124 -9.90 -20.66 8.67
C ASN A 124 -11.30 -21.21 8.69
N PRO A 125 -11.94 -21.51 7.55
CA PRO A 125 -13.36 -21.88 7.53
C PRO A 125 -13.68 -23.28 8.02
N CYS B 10 16.41 15.00 1.29
CA CYS B 10 15.91 16.38 1.40
C CYS B 10 14.53 16.62 0.74
N PRO B 11 14.34 16.42 -0.57
CA PRO B 11 12.99 16.50 -1.12
C PRO B 11 12.10 15.34 -0.71
N LEU B 12 12.66 14.19 -0.39
CA LEU B 12 11.90 12.99 -0.12
C LEU B 12 12.51 12.25 1.06
N MET B 13 11.79 12.04 2.11
CA MET B 13 12.22 11.29 3.28
CA MET B 13 12.23 11.27 3.27
C MET B 13 11.20 10.19 3.53
N VAL B 14 11.64 9.07 4.05
CA VAL B 14 10.77 7.98 4.44
C VAL B 14 10.99 7.71 5.91
N LYS B 15 9.93 7.51 6.66
CA LYS B 15 10.03 7.19 8.08
C LYS B 15 9.13 6.00 8.36
N VAL B 16 9.65 5.07 9.14
CA VAL B 16 8.98 3.80 9.39
C VAL B 16 8.96 3.53 10.87
N LEU B 17 7.79 3.24 11.42
CA LEU B 17 7.62 2.96 12.82
CA LEU B 17 7.59 2.97 12.82
C LEU B 17 7.00 1.58 13.01
N ASP B 18 7.23 1.01 14.16
CA ASP B 18 6.82 -0.35 14.54
C ASP B 18 5.78 -0.26 15.68
N ALA B 19 4.54 -0.66 15.37
CA ALA B 19 3.40 -0.59 16.27
C ALA B 19 3.37 -1.71 17.32
N VAL B 20 4.17 -2.73 17.11
CA VAL B 20 4.22 -3.87 18.03
C VAL B 20 5.17 -3.62 19.14
N ARG B 21 6.35 -3.13 18.80
CA ARG B 21 7.40 -2.85 19.77
CA ARG B 21 7.40 -2.86 19.76
C ARG B 21 7.41 -1.42 20.24
N GLY B 22 6.66 -0.54 19.61
CA GLY B 22 6.69 0.84 20.01
C GLY B 22 8.02 1.52 19.77
N SER B 23 8.52 1.41 18.58
CA SER B 23 9.87 1.83 18.30
C SER B 23 9.97 2.28 16.87
N PRO B 24 11.04 2.98 16.51
CA PRO B 24 11.34 3.10 15.10
CA PRO B 24 11.32 3.11 15.09
C PRO B 24 11.53 1.73 14.51
N ALA B 25 11.24 1.58 13.22
CA ALA B 25 11.55 0.36 12.48
C ALA B 25 12.92 0.54 11.85
N ILE B 26 13.91 -0.11 12.43
CA ILE B 26 15.29 0.10 12.11
CA ILE B 26 15.29 0.14 12.07
C ILE B 26 15.76 -0.91 11.08
N ASN B 27 16.59 -0.48 10.16
CA ASN B 27 17.18 -1.34 9.16
CA ASN B 27 17.18 -1.34 9.15
C ASN B 27 16.15 -1.96 8.24
N VAL B 28 15.09 -1.21 7.92
CA VAL B 28 14.11 -1.64 6.95
C VAL B 28 14.60 -1.22 5.56
N ALA B 29 14.60 -2.14 4.60
CA ALA B 29 14.94 -1.77 3.24
C ALA B 29 13.79 -1.06 2.58
N VAL B 30 14.14 0.00 1.87
CA VAL B 30 13.17 0.86 1.18
C VAL B 30 13.66 1.07 -0.23
N HIS B 31 12.83 0.79 -1.22
CA HIS B 31 13.16 1.00 -2.64
C HIS B 31 12.17 1.99 -3.22
N VAL B 32 12.69 2.99 -3.93
CA VAL B 32 11.87 3.98 -4.62
C VAL B 32 12.03 3.72 -6.09
N PHE B 33 10.94 3.77 -6.82
CA PHE B 33 10.87 3.60 -8.25
C PHE B 33 10.15 4.81 -8.83
N ARG B 34 10.47 5.10 -10.09
CA ARG B 34 9.76 6.10 -10.85
CA ARG B 34 9.77 6.11 -10.84
C ARG B 34 9.14 5.46 -12.06
N LYS B 35 7.90 5.82 -12.37
CA LYS B 35 7.20 5.18 -13.46
C LYS B 35 7.77 5.72 -14.76
N ALA B 36 8.14 4.84 -15.66
CA ALA B 36 8.66 5.20 -16.95
C ALA B 36 7.55 5.38 -17.96
N ALA B 37 7.94 5.82 -19.15
CA ALA B 37 6.99 6.10 -20.21
C ALA B 37 6.27 4.84 -20.64
N ASP B 38 6.93 3.68 -20.55
CA ASP B 38 6.28 2.46 -20.94
C ASP B 38 5.49 1.80 -19.82
N ASP B 39 5.26 2.54 -18.75
CA ASP B 39 4.47 2.15 -17.59
C ASP B 39 5.24 1.19 -16.67
N THR B 40 6.50 0.91 -16.90
CA THR B 40 7.21 0.03 -16.00
C THR B 40 7.77 0.88 -14.86
N TRP B 41 8.16 0.24 -13.80
CA TRP B 41 8.74 0.91 -12.64
C TRP B 41 10.26 0.83 -12.73
N GLU B 42 10.93 1.96 -12.79
CA GLU B 42 12.39 2.02 -12.88
CA GLU B 42 12.38 2.07 -12.90
C GLU B 42 12.99 2.34 -11.53
N PRO B 43 14.00 1.61 -11.08
CA PRO B 43 14.68 1.99 -9.84
C PRO B 43 15.13 3.42 -9.87
N PHE B 44 14.94 4.11 -8.74
CA PHE B 44 15.19 5.53 -8.60
C PHE B 44 16.12 5.80 -7.42
N ALA B 45 15.86 5.20 -6.26
CA ALA B 45 16.66 5.42 -5.06
C ALA B 45 16.34 4.29 -4.08
N SER B 46 17.22 4.02 -3.14
CA SER B 46 16.96 3.05 -2.09
C SER B 46 17.88 3.22 -0.92
N GLY B 47 17.54 2.55 0.17
CA GLY B 47 18.39 2.59 1.36
C GLY B 47 17.76 1.79 2.45
N LYS B 48 18.32 1.92 3.64
CA LYS B 48 17.77 1.24 4.80
CA LYS B 48 17.80 1.24 4.81
C LYS B 48 17.50 2.29 5.86
N THR B 49 16.41 2.14 6.60
CA THR B 49 16.13 3.10 7.64
C THR B 49 17.17 3.01 8.75
N SER B 50 17.40 4.17 9.35
CA SER B 50 18.38 4.34 10.41
C SER B 50 17.79 3.94 11.76
N GLU B 51 18.60 4.11 12.80
CA GLU B 51 18.15 3.89 14.17
CA GLU B 51 18.14 3.87 14.16
C GLU B 51 16.94 4.72 14.57
N SER B 52 16.69 5.87 13.90
CA SER B 52 15.49 6.65 14.19
C SER B 52 14.30 6.24 13.32
N GLY B 53 14.47 5.23 12.46
CA GLY B 53 13.42 4.84 11.57
C GLY B 53 13.36 5.66 10.31
N GLU B 54 14.31 6.57 10.08
CA GLU B 54 14.28 7.52 9.00
C GLU B 54 15.27 7.14 7.92
N LEU B 55 14.94 7.49 6.72
CA LEU B 55 15.80 7.29 5.59
C LEU B 55 15.85 8.63 4.87
N HIS B 56 17.00 9.27 4.99
CA HIS B 56 17.35 10.56 4.43
C HIS B 56 18.27 10.31 3.23
N GLY B 57 18.40 11.32 2.40
CA GLY B 57 19.39 11.30 1.34
C GLY B 57 19.04 10.45 0.14
N LEU B 58 17.76 10.12 -0.01
CA LEU B 58 17.34 9.32 -1.14
C LEU B 58 17.59 10.03 -2.43
N THR B 59 17.34 11.32 -2.50
CA THR B 59 17.42 11.99 -3.78
C THR B 59 17.82 13.42 -3.57
N THR B 60 17.88 14.16 -4.64
CA THR B 60 18.22 15.56 -4.56
C THR B 60 17.13 16.32 -5.27
N GLU B 61 17.10 17.63 -5.06
CA GLU B 61 16.12 18.45 -5.74
CA GLU B 61 16.11 18.45 -5.75
C GLU B 61 16.24 18.31 -7.26
N GLU B 62 17.48 18.25 -7.78
CA GLU B 62 17.68 18.18 -9.22
CA GLU B 62 17.66 18.20 -9.22
C GLU B 62 17.12 16.89 -9.79
N GLU B 63 17.27 15.79 -9.06
CA GLU B 63 16.83 14.49 -9.57
CA GLU B 63 16.83 14.51 -9.61
C GLU B 63 15.34 14.24 -9.42
N PHE B 64 14.69 14.86 -8.43
CA PHE B 64 13.33 14.51 -8.09
C PHE B 64 12.35 15.37 -8.84
N VAL B 65 12.08 14.98 -10.04
CA VAL B 65 11.16 15.70 -10.93
C VAL B 65 9.74 15.19 -10.77
N GLU B 66 8.77 15.91 -11.30
CA GLU B 66 7.40 15.45 -11.30
C GLU B 66 7.31 14.08 -11.94
N GLY B 67 6.38 13.31 -11.46
CA GLY B 67 6.17 11.98 -11.98
C GLY B 67 5.43 11.15 -10.95
N ILE B 68 5.25 9.91 -11.28
CA ILE B 68 4.62 8.93 -10.39
C ILE B 68 5.73 8.09 -9.79
N TYR B 69 5.73 8.02 -8.47
CA TYR B 69 6.74 7.29 -7.72
C TYR B 69 6.08 6.19 -6.91
N LYS B 70 6.85 5.14 -6.68
CA LYS B 70 6.45 4.03 -5.81
CA LYS B 70 6.44 4.04 -5.80
C LYS B 70 7.52 3.86 -4.75
N VAL B 71 7.14 3.87 -3.50
CA VAL B 71 8.02 3.54 -2.38
C VAL B 71 7.61 2.17 -1.88
N GLU B 72 8.52 1.21 -2.00
CA GLU B 72 8.31 -0.14 -1.50
CA GLU B 72 8.30 -0.15 -1.51
C GLU B 72 9.10 -0.33 -0.23
N ILE B 73 8.40 -0.69 0.83
CA ILE B 73 8.98 -0.88 2.14
C ILE B 73 9.00 -2.37 2.37
N ASP B 74 10.16 -2.96 2.62
CA ASP B 74 10.25 -4.41 2.75
CA ASP B 74 10.27 -4.40 2.75
C ASP B 74 9.88 -4.85 4.15
N THR B 75 8.61 -4.86 4.40
CA THR B 75 8.06 -5.17 5.72
C THR B 75 8.24 -6.63 6.08
N LYS B 76 8.14 -7.52 5.12
CA LYS B 76 8.23 -8.94 5.41
C LYS B 76 9.57 -9.29 6.01
N SER B 77 10.64 -8.78 5.41
CA SER B 77 11.97 -9.06 5.93
C SER B 77 12.14 -8.43 7.30
N TYR B 78 11.56 -7.25 7.54
CA TYR B 78 11.66 -6.61 8.84
C TYR B 78 11.06 -7.46 9.93
N TRP B 79 9.85 -7.96 9.70
CA TRP B 79 9.19 -8.77 10.71
C TRP B 79 9.95 -10.07 10.90
N LYS B 80 10.41 -10.69 9.84
CA LYS B 80 11.10 -11.94 10.01
CA LYS B 80 11.10 -11.94 10.02
C LYS B 80 12.40 -11.76 10.78
N ALA B 81 13.08 -10.63 10.65
CA ALA B 81 14.29 -10.38 11.44
C ALA B 81 13.95 -10.26 12.91
N LEU B 82 12.74 -9.87 13.23
CA LEU B 82 12.30 -9.78 14.61
C LEU B 82 11.64 -11.06 15.13
N GLY B 83 11.52 -12.07 14.30
CA GLY B 83 10.91 -13.32 14.72
C GLY B 83 9.39 -13.25 14.78
N ILE B 84 8.74 -12.35 14.02
CA ILE B 84 7.29 -12.12 14.04
C ILE B 84 6.74 -12.51 12.70
N SER B 85 5.63 -13.22 12.72
CA SER B 85 5.03 -13.71 11.49
CA SER B 85 5.04 -13.71 11.47
C SER B 85 4.22 -12.62 10.78
N PRO B 86 4.54 -12.27 9.56
CA PRO B 86 3.85 -11.16 8.88
C PRO B 86 2.91 -11.60 7.79
N PHE B 87 1.96 -10.71 7.46
CA PHE B 87 1.01 -10.97 6.41
C PHE B 87 1.48 -10.49 5.04
N HIS B 88 1.93 -9.26 4.93
CA HIS B 88 2.20 -8.64 3.64
C HIS B 88 3.54 -9.06 3.11
N GLU B 89 3.66 -9.04 1.78
CA GLU B 89 4.97 -9.13 1.14
C GLU B 89 5.80 -7.91 1.39
N HIS B 90 5.19 -6.77 1.30
CA HIS B 90 5.82 -5.48 1.43
CA HIS B 90 5.84 -5.48 1.42
C HIS B 90 4.70 -4.48 1.49
N ALA B 91 5.04 -3.23 1.77
CA ALA B 91 4.08 -2.16 1.68
C ALA B 91 4.51 -1.25 0.57
N GLU B 92 3.57 -0.86 -0.25
CA GLU B 92 3.87 -0.04 -1.41
CA GLU B 92 3.83 -0.06 -1.45
C GLU B 92 3.06 1.25 -1.36
N VAL B 93 3.71 2.38 -1.49
CA VAL B 93 3.07 3.68 -1.45
C VAL B 93 3.31 4.31 -2.81
N VAL B 94 2.26 4.62 -3.54
CA VAL B 94 2.37 5.10 -4.91
C VAL B 94 1.70 6.46 -4.96
N PHE B 95 2.40 7.46 -5.51
CA PHE B 95 1.90 8.83 -5.49
C PHE B 95 2.49 9.60 -6.62
N THR B 96 1.88 10.73 -6.92
CA THR B 96 2.40 11.68 -7.90
C THR B 96 3.09 12.82 -7.17
N ALA B 97 4.30 13.14 -7.60
CA ALA B 97 5.00 14.35 -7.19
C ALA B 97 4.57 15.48 -8.11
N ASN B 98 4.08 16.55 -7.54
CA ASN B 98 3.61 17.72 -8.33
CA ASN B 98 3.57 17.71 -8.29
C ASN B 98 4.29 18.97 -7.81
N ASP B 99 4.87 19.75 -8.72
CA ASP B 99 5.60 20.99 -8.39
C ASP B 99 4.70 22.21 -8.16
N SER B 100 3.96 22.15 -7.12
CA SER B 100 3.11 23.26 -6.70
CA SER B 100 3.11 23.26 -6.70
C SER B 100 3.84 24.11 -5.66
N GLY B 101 4.83 24.88 -6.16
CA GLY B 101 5.72 25.65 -5.33
C GLY B 101 6.67 24.76 -4.53
N PRO B 102 7.40 25.34 -3.57
CA PRO B 102 8.45 24.57 -2.89
C PRO B 102 7.82 23.51 -2.00
N ARG B 103 8.33 22.27 -2.09
CA ARG B 103 7.74 21.16 -1.35
C ARG B 103 8.79 20.12 -0.93
N ARG B 104 8.62 19.63 0.31
CA ARG B 104 9.32 18.49 0.85
CA ARG B 104 9.32 18.47 0.82
C ARG B 104 8.28 17.42 1.18
N TYR B 105 8.56 16.18 0.82
CA TYR B 105 7.65 15.07 1.04
C TYR B 105 8.25 14.13 2.10
N THR B 106 7.49 13.79 3.11
CA THR B 106 7.81 12.72 4.02
C THR B 106 6.73 11.67 3.88
N ILE B 107 7.13 10.47 3.56
CA ILE B 107 6.26 9.30 3.49
C ILE B 107 6.49 8.56 4.78
N ALA B 108 5.47 8.49 5.63
CA ALA B 108 5.58 7.80 6.90
C ALA B 108 4.74 6.54 6.87
N ALA B 109 5.20 5.49 7.50
CA ALA B 109 4.49 4.23 7.61
C ALA B 109 4.57 3.70 9.01
N LEU B 110 3.45 3.17 9.49
CA LEU B 110 3.33 2.57 10.79
C LEU B 110 2.94 1.11 10.60
N LEU B 111 3.81 0.21 11.02
CA LEU B 111 3.72 -1.19 10.70
C LEU B 111 3.20 -2.06 11.82
N SER B 112 2.30 -2.97 11.49
CA SER B 112 1.93 -4.11 12.32
C SER B 112 1.99 -5.36 11.48
N PRO B 113 1.93 -6.54 12.07
CA PRO B 113 2.09 -7.74 11.29
C PRO B 113 1.05 -7.91 10.22
N TYR B 114 -0.21 -7.60 10.51
CA TYR B 114 -1.34 -7.78 9.61
C TYR B 114 -1.97 -6.48 9.18
N SER B 115 -1.31 -5.35 9.39
CA SER B 115 -1.84 -4.05 9.02
CA SER B 115 -1.86 -4.03 9.06
CA SER B 115 -1.87 -4.05 9.02
C SER B 115 -0.74 -3.04 8.86
N TYR B 116 -0.98 -2.04 8.04
CA TYR B 116 -0.09 -0.88 8.03
C TYR B 116 -0.90 0.35 7.70
N SER B 117 -0.38 1.46 8.10
CA SER B 117 -0.90 2.82 7.89
CA SER B 117 -0.91 2.77 7.83
CA SER B 117 -0.92 2.72 7.70
C SER B 117 0.17 3.63 7.22
N THR B 118 -0.21 4.51 6.32
CA THR B 118 0.75 5.41 5.72
C THR B 118 0.15 6.78 5.56
N THR B 119 0.97 7.78 5.69
CA THR B 119 0.53 9.16 5.44
C THR B 119 1.64 9.89 4.71
N ALA B 120 1.28 10.99 4.10
CA ALA B 120 2.21 11.91 3.49
C ALA B 120 2.18 13.21 4.25
N VAL B 121 3.33 13.72 4.56
CA VAL B 121 3.51 15.00 5.21
C VAL B 121 4.25 15.85 4.19
N VAL B 122 3.56 16.82 3.62
CA VAL B 122 4.10 17.61 2.53
C VAL B 122 4.16 19.04 2.98
N THR B 123 5.36 19.60 3.08
CA THR B 123 5.54 20.93 3.65
C THR B 123 6.36 21.78 2.71
N ASN B 124 6.23 23.09 2.89
CA ASN B 124 6.95 24.10 2.12
C ASN B 124 8.10 24.53 3.01
N PRO B 125 9.35 24.24 2.65
CA PRO B 125 10.52 24.59 3.47
C PRO B 125 11.00 26.03 3.28
C1 U1F C . -12.90 -0.88 10.16
C10 U1F C . -9.75 0.84 11.18
C11 U1F C . -8.96 0.54 10.07
C12 U1F C . -9.40 -0.20 8.96
C13 U1F C . -10.74 -0.69 9.00
C14 U1F C . -17.13 -2.90 9.93
C15 U1F C . -9.20 1.64 12.29
C16 U1F C . -8.53 -0.46 7.85
C2 U1F C . -13.34 -2.19 9.81
C3 U1F C . -14.69 -2.50 9.90
C4 U1F C . -15.14 -3.79 9.67
C5 U1F C . -12.46 -3.26 9.55
C6 U1F C . -12.91 -4.56 9.33
C7 U1F C . -14.27 -4.81 9.37
C8 U1F C . -11.54 -0.51 10.15
C9 U1F C . -11.08 0.40 11.11
N1 U1F C . -12.06 -5.54 9.01
O1 U1F C . -13.72 -0.04 10.50
O2 U1F C . -16.50 -4.15 9.66
O3 U1F C . -10.67 -5.22 8.90
O4 U1F C . -12.49 -6.68 8.62
O5 U1F C . -14.79 -6.10 9.23
C1 U1F D . 3.45 10.01 10.99
C10 U1F D . 1.06 7.14 10.76
C11 U1F D . 0.53 7.10 12.05
C12 U1F D . 0.96 8.01 13.05
C13 U1F D . 1.95 8.96 12.72
C14 U1F D . 6.63 13.37 9.91
C15 U1F D . 0.65 6.23 9.68
C16 U1F D . 0.35 7.92 14.35
C2 U1F D . 4.56 10.48 11.70
C3 U1F D . 5.30 11.48 11.09
C4 U1F D . 6.44 11.98 11.69
C5 U1F D . 4.99 9.91 12.91
C6 U1F D . 6.19 10.41 13.47
C7 U1F D . 6.89 11.43 12.87
C8 U1F D . 2.57 8.98 11.46
C9 U1F D . 1.99 8.16 10.50
N1 U1F D . 6.71 9.95 14.65
O1 U1F D . 3.20 10.57 9.89
O2 U1F D . 7.21 12.98 11.17
O3 U1F D . 6.01 8.93 15.30
O4 U1F D . 8.16 10.51 15.19
O5 U1F D . 8.02 11.93 13.40
#